data_3GGF
#
_entry.id   3GGF
#
_cell.length_a   65.920
_cell.length_b   91.250
_cell.length_c   108.970
_cell.angle_alpha   90.00
_cell.angle_beta   90.00
_cell.angle_gamma   90.00
#
_symmetry.space_group_name_H-M   'P 21 21 21'
#
loop_
_entity.id
_entity.type
_entity.pdbx_description
1 polymer 'Serine/threonine-protein kinase MST4'
2 non-polymer 'CADMIUM ION'
3 non-polymer [4-({4-[(5-CYCLOPROPYL-1H-PYRAZOL-3-YL)AMINO]QUINAZOLIN-2-YL}IMINO)CYCLOHEXA-2,5-DIEN-1-YL]ACETONITRILE
4 water water
#
_entity_poly.entity_id   1
_entity_poly.type   'polypeptide(L)'
_entity_poly.pdbx_seq_one_letter_code
;SMAHSPVAVQVPGMQNNIADPEELFTKLERIGKGSFGEVFKGIDNRTQQVVAIKIIDLEEAEDEIEDIQQEITVLSQCDS
SYVTKYYGSYLKGSKLWIIMEYLGGGSALDLLRAGPFDEFQIATMLKEILKGLDYLHSEKKIHRDIKAANVLLSEQGDVK
LADFGVAGQLTDTQIKRNTFVGTPFWMAPEVIQQSAYDSKADIWSLGITAIELAKGEPPNSDMHPMRVLFLIPKNNPPTL
VGDFTKSFKEFIDACLNKDPSFRPTAKELLKHKFIVKNSKKTSYLTELIDRFKRWKAEGHS
;
_entity_poly.pdbx_strand_id   A,B
#
loop_
_chem_comp.id
_chem_comp.type
_chem_comp.name
_chem_comp.formula
CD non-polymer 'CADMIUM ION' 'Cd 2'
GVD non-polymer [4-({4-[(5-CYCLOPROPYL-1H-PYRAZOL-3-YL)AMINO]QUINAZOLIN-2-YL}IMINO)CYCLOHEXA-2,5-DIEN-1-YL]ACETONITRILE 'C22 H19 N7'
#
# COMPACT_ATOMS: atom_id res chain seq x y z
N ILE A 18 -2.67 -21.94 -23.42
CA ILE A 18 -1.52 -21.94 -22.47
C ILE A 18 -0.20 -22.08 -23.23
N ALA A 19 0.31 -20.94 -23.69
CA ALA A 19 1.68 -20.82 -24.18
C ALA A 19 2.46 -20.00 -23.16
N ASP A 20 3.74 -20.33 -23.00
CA ASP A 20 4.58 -19.72 -21.98
C ASP A 20 4.98 -18.28 -22.35
N PRO A 21 4.55 -17.29 -21.56
CA PRO A 21 4.90 -15.91 -21.85
C PRO A 21 6.37 -15.53 -21.62
N GLU A 22 7.12 -16.34 -20.88
CA GLU A 22 8.55 -16.10 -20.69
C GLU A 22 9.30 -16.31 -21.99
N GLU A 23 8.73 -17.16 -22.84
CA GLU A 23 9.27 -17.41 -24.17
C GLU A 23 8.66 -16.48 -25.23
N LEU A 24 7.42 -16.07 -25.06
CA LEU A 24 6.77 -15.17 -26.02
C LEU A 24 7.22 -13.71 -25.91
N PHE A 25 7.68 -13.29 -24.74
CA PHE A 25 8.04 -11.91 -24.49
C PHE A 25 9.37 -11.79 -23.80
N THR A 26 10.08 -10.71 -24.12
CA THR A 26 11.33 -10.37 -23.44
C THR A 26 11.13 -9.10 -22.62
N LYS A 27 11.46 -9.17 -21.33
CA LYS A 27 11.41 -8.02 -20.46
C LYS A 27 12.61 -7.14 -20.77
N LEU A 28 12.38 -5.85 -20.97
CA LEU A 28 13.47 -4.86 -20.99
C LEU A 28 13.47 -4.12 -19.62
N GLU A 29 13.38 -2.80 -19.60
CA GLU A 29 13.52 -2.04 -18.36
C GLU A 29 12.26 -2.20 -17.49
N ARG A 30 12.40 -2.05 -16.18
CA ARG A 30 11.25 -1.87 -15.30
C ARG A 30 10.78 -0.42 -15.41
N ILE A 31 9.47 -0.23 -15.54
CA ILE A 31 8.88 1.11 -15.66
C ILE A 31 7.93 1.46 -14.52
N GLY A 32 7.44 0.46 -13.80
CA GLY A 32 6.47 0.68 -12.75
C GLY A 32 6.64 -0.13 -11.49
N LYS A 33 6.67 0.55 -10.35
CA LYS A 33 6.58 -0.07 -9.04
C LYS A 33 5.19 0.31 -8.50
N GLY A 34 4.17 -0.22 -9.17
CA GLY A 34 2.79 0.21 -8.94
C GLY A 34 2.20 -0.36 -7.66
N SER A 35 1.29 -1.33 -7.79
CA SER A 35 0.64 -1.93 -6.62
C SER A 35 0.83 -3.45 -6.57
N PHE A 36 0.11 -4.19 -7.43
CA PHE A 36 0.07 -5.67 -7.35
C PHE A 36 1.40 -6.28 -7.80
N GLY A 37 2.20 -5.50 -8.53
CA GLY A 37 3.55 -5.94 -8.96
C GLY A 37 4.28 -4.92 -9.85
N GLU A 38 5.00 -5.45 -10.82
CA GLU A 38 5.89 -4.64 -11.59
C GLU A 38 5.45 -4.61 -13.04
N VAL A 39 5.66 -3.46 -13.67
CA VAL A 39 5.34 -3.25 -15.07
C VAL A 39 6.65 -3.13 -15.80
N PHE A 40 6.75 -3.74 -16.96
CA PHE A 40 7.98 -3.73 -17.70
C PHE A 40 7.75 -3.19 -19.07
N LYS A 41 8.76 -2.54 -19.61
CA LYS A 41 8.82 -2.32 -21.03
C LYS A 41 9.28 -3.67 -21.56
N GLY A 42 8.59 -4.14 -22.60
CA GLY A 42 8.84 -5.45 -23.13
C GLY A 42 8.77 -5.47 -24.63
N ILE A 43 9.09 -6.64 -25.19
CA ILE A 43 9.02 -6.84 -26.59
C ILE A 43 8.48 -8.24 -26.88
N ASP A 44 7.55 -8.33 -27.84
CA ASP A 44 7.05 -9.61 -28.35
C ASP A 44 8.12 -10.26 -29.24
N ASN A 45 8.51 -11.49 -28.91
CA ASN A 45 9.63 -12.13 -29.57
C ASN A 45 9.37 -12.48 -31.03
N ARG A 46 8.13 -12.75 -31.39
CA ARG A 46 7.81 -13.11 -32.77
C ARG A 46 7.63 -11.95 -33.73
N THR A 47 7.00 -10.86 -33.25
CA THR A 47 6.59 -9.74 -34.11
C THR A 47 7.40 -8.48 -33.90
N GLN A 48 8.18 -8.44 -32.82
CA GLN A 48 8.96 -7.27 -32.40
C GLN A 48 8.18 -6.00 -31.98
N GLN A 49 6.89 -6.13 -31.67
CA GLN A 49 6.12 -5.01 -31.12
C GLN A 49 6.53 -4.74 -29.64
N VAL A 50 6.95 -3.52 -29.38
CA VAL A 50 7.19 -3.10 -28.02
C VAL A 50 5.84 -3.11 -27.33
N VAL A 51 5.80 -3.67 -26.12
CA VAL A 51 4.61 -3.76 -25.29
C VAL A 51 4.88 -3.38 -23.83
N ALA A 52 3.82 -3.16 -23.08
CA ALA A 52 3.95 -3.03 -21.65
C ALA A 52 3.45 -4.34 -21.03
N ILE A 53 4.21 -4.87 -20.09
CA ILE A 53 3.88 -6.12 -19.40
C ILE A 53 3.71 -5.88 -17.91
N LYS A 54 2.51 -6.11 -17.40
CA LYS A 54 2.27 -6.01 -15.98
C LYS A 54 2.13 -7.40 -15.42
N ILE A 55 3.00 -7.74 -14.47
CA ILE A 55 2.97 -9.07 -13.89
C ILE A 55 2.42 -9.02 -12.48
N ILE A 56 1.44 -9.86 -12.19
CA ILE A 56 0.82 -9.88 -10.87
C ILE A 56 0.76 -11.30 -10.34
N ASP A 57 1.23 -11.51 -9.11
CA ASP A 57 1.19 -12.84 -8.47
C ASP A 57 -0.16 -13.06 -7.83
N LEU A 58 -0.84 -14.11 -8.23
CA LEU A 58 -2.13 -14.46 -7.66
C LEU A 58 -2.03 -15.80 -6.94
N GLU A 59 -0.90 -16.03 -6.26
CA GLU A 59 -0.61 -17.32 -5.60
C GLU A 59 -1.80 -17.94 -4.87
N GLU A 60 -2.30 -17.24 -3.85
CA GLU A 60 -3.34 -17.79 -3.01
C GLU A 60 -4.70 -17.42 -3.57
N ALA A 61 -4.72 -16.47 -4.51
CA ALA A 61 -5.95 -16.04 -5.17
C ALA A 61 -6.10 -16.61 -6.58
N GLU A 62 -5.95 -17.93 -6.74
CA GLU A 62 -6.12 -18.57 -8.05
C GLU A 62 -7.55 -18.47 -8.58
N ASP A 63 -8.52 -18.38 -7.66
N ASP A 63 -8.54 -18.36 -7.69
CA ASP A 63 -9.94 -18.21 -8.00
CA ASP A 63 -9.94 -18.25 -8.11
C ASP A 63 -10.21 -16.89 -8.72
C ASP A 63 -10.22 -16.87 -8.73
N GLU A 64 -9.46 -15.86 -8.32
CA GLU A 64 -9.51 -14.53 -8.95
C GLU A 64 -9.06 -14.52 -10.43
N ILE A 65 -8.20 -15.46 -10.84
CA ILE A 65 -7.59 -15.47 -12.18
C ILE A 65 -8.55 -15.37 -13.35
N GLU A 66 -9.48 -16.33 -13.42
CA GLU A 66 -10.42 -16.43 -14.54
C GLU A 66 -11.30 -15.16 -14.71
N ASP A 67 -11.64 -14.56 -13.58
CA ASP A 67 -12.32 -13.29 -13.54
C ASP A 67 -11.43 -12.18 -14.13
N ILE A 68 -10.17 -12.12 -13.72
CA ILE A 68 -9.26 -11.10 -14.20
C ILE A 68 -9.06 -11.19 -15.72
N GLN A 69 -8.84 -12.40 -16.23
CA GLN A 69 -8.77 -12.63 -17.66
C GLN A 69 -10.10 -12.38 -18.38
N GLN A 70 -11.21 -12.59 -17.69
CA GLN A 70 -12.52 -12.30 -18.27
C GLN A 70 -12.58 -10.81 -18.59
N GLU A 71 -12.24 -10.00 -17.60
CA GLU A 71 -12.22 -8.55 -17.68
C GLU A 71 -11.18 -8.01 -18.70
N ILE A 72 -10.00 -8.64 -18.80
CA ILE A 72 -8.94 -8.22 -19.71
C ILE A 72 -9.45 -8.38 -21.15
N THR A 73 -10.17 -9.45 -21.39
CA THR A 73 -10.66 -9.80 -22.72
C THR A 73 -11.72 -8.79 -23.16
N VAL A 74 -12.60 -8.43 -22.23
CA VAL A 74 -13.61 -7.41 -22.52
C VAL A 74 -12.95 -6.06 -22.77
N LEU A 75 -11.99 -5.70 -21.93
CA LEU A 75 -11.29 -4.43 -22.08
C LEU A 75 -10.55 -4.32 -23.42
N SER A 76 -9.95 -5.42 -23.88
CA SER A 76 -9.27 -5.43 -25.17
C SER A 76 -10.19 -5.22 -26.41
N GLN A 77 -11.52 -5.20 -26.21
CA GLN A 77 -12.49 -4.88 -27.28
C GLN A 77 -12.92 -3.42 -27.24
N CYS A 78 -12.45 -2.69 -26.24
CA CYS A 78 -12.73 -1.26 -26.17
C CYS A 78 -12.10 -0.49 -27.33
N ASP A 79 -12.80 0.52 -27.83
CA ASP A 79 -12.35 1.30 -28.99
C ASP A 79 -11.80 2.69 -28.67
N SER A 80 -11.59 3.00 -27.40
CA SER A 80 -11.12 4.34 -27.00
C SER A 80 -9.68 4.45 -27.39
N SER A 81 -9.33 5.53 -28.05
CA SER A 81 -7.95 5.85 -28.26
C SER A 81 -7.32 6.66 -27.09
N TYR A 82 -8.06 6.83 -25.98
CA TYR A 82 -7.59 7.60 -24.83
C TYR A 82 -7.27 6.76 -23.61
N VAL A 83 -7.24 5.44 -23.80
CA VAL A 83 -6.88 4.48 -22.77
C VAL A 83 -5.80 3.58 -23.34
N THR A 84 -4.92 3.07 -22.49
CA THR A 84 -3.84 2.19 -22.93
C THR A 84 -4.51 0.85 -23.20
N LYS A 85 -4.42 0.37 -24.43
CA LYS A 85 -5.15 -0.82 -24.83
C LYS A 85 -4.57 -2.06 -24.22
N TYR A 86 -5.48 -2.98 -23.90
CA TYR A 86 -5.13 -4.31 -23.43
C TYR A 86 -5.02 -5.21 -24.64
N TYR A 87 -3.98 -6.05 -24.67
CA TYR A 87 -3.86 -7.05 -25.74
C TYR A 87 -4.19 -8.44 -25.33
N GLY A 88 -4.06 -8.75 -24.05
CA GLY A 88 -4.36 -10.10 -23.56
C GLY A 88 -3.57 -10.39 -22.32
N SER A 89 -3.71 -11.61 -21.81
CA SER A 89 -2.96 -12.05 -20.63
C SER A 89 -2.62 -13.52 -20.71
N TYR A 90 -1.59 -13.91 -19.95
CA TYR A 90 -1.06 -15.27 -19.96
C TYR A 90 -0.69 -15.69 -18.55
N LEU A 91 -1.19 -16.85 -18.13
CA LEU A 91 -0.87 -17.38 -16.81
C LEU A 91 0.46 -18.11 -16.88
N LYS A 92 1.33 -17.82 -15.91
CA LYS A 92 2.56 -18.60 -15.68
C LYS A 92 2.74 -18.89 -14.18
N GLY A 93 2.40 -20.09 -13.78
CA GLY A 93 2.47 -20.47 -12.36
C GLY A 93 1.25 -19.88 -11.68
N SER A 94 1.46 -19.05 -10.66
CA SER A 94 0.37 -18.23 -10.16
C SER A 94 0.52 -16.77 -10.58
N LYS A 95 1.50 -16.48 -11.46
CA LYS A 95 1.70 -15.12 -11.94
C LYS A 95 0.93 -14.91 -13.24
N LEU A 96 0.30 -13.77 -13.35
CA LEU A 96 -0.44 -13.43 -14.55
C LEU A 96 0.31 -12.29 -15.22
N TRP A 97 0.66 -12.47 -16.49
CA TRP A 97 1.36 -11.46 -17.29
C TRP A 97 0.32 -10.75 -18.13
N ILE A 98 0.11 -9.46 -17.88
CA ILE A 98 -0.88 -8.69 -18.62
C ILE A 98 -0.15 -7.87 -19.68
N ILE A 99 -0.58 -8.00 -20.92
CA ILE A 99 0.11 -7.41 -22.07
C ILE A 99 -0.68 -6.20 -22.53
N MET A 100 -0.02 -5.05 -22.54
CA MET A 100 -0.69 -3.78 -22.87
C MET A 100 0.09 -2.95 -23.88
N GLU A 101 -0.58 -1.94 -24.37
CA GLU A 101 0.05 -0.96 -25.25
C GLU A 101 1.15 -0.25 -24.51
N TYR A 102 2.28 -0.06 -25.18
CA TYR A 102 3.41 0.66 -24.63
C TYR A 102 3.40 2.10 -25.08
N LEU A 103 3.47 3.03 -24.14
CA LEU A 103 3.62 4.45 -24.44
C LEU A 103 4.96 4.95 -23.93
N GLY A 104 5.74 5.55 -24.81
CA GLY A 104 7.16 5.78 -24.51
C GLY A 104 7.54 7.13 -24.02
N GLY A 105 6.55 7.98 -23.78
CA GLY A 105 6.87 9.36 -23.45
C GLY A 105 7.04 9.60 -21.97
N GLY A 106 6.60 8.62 -21.17
CA GLY A 106 6.52 8.77 -19.71
C GLY A 106 5.13 9.18 -19.20
N SER A 107 4.93 9.11 -17.89
CA SER A 107 3.75 9.68 -17.25
C SER A 107 3.95 11.17 -16.95
N ALA A 108 2.86 11.87 -16.71
CA ALA A 108 2.90 13.28 -16.40
C ALA A 108 3.69 13.42 -15.12
N LEU A 109 3.54 12.47 -14.20
CA LEU A 109 4.26 12.57 -12.94
C LEU A 109 5.77 12.45 -13.18
N ASP A 110 6.20 11.57 -14.09
CA ASP A 110 7.62 11.47 -14.46
C ASP A 110 8.09 12.79 -14.99
N LEU A 111 7.32 13.37 -15.90
CA LEU A 111 7.71 14.60 -16.56
C LEU A 111 7.76 15.78 -15.60
N LEU A 112 6.92 15.78 -14.59
CA LEU A 112 6.89 16.81 -13.56
C LEU A 112 8.15 16.91 -12.75
N ARG A 113 8.93 15.84 -12.70
CA ARG A 113 10.22 15.86 -11.99
C ARG A 113 11.13 16.96 -12.51
N ALA A 114 11.04 17.31 -13.79
CA ALA A 114 11.78 18.44 -14.34
C ALA A 114 11.14 19.81 -14.04
N GLY A 115 10.07 19.85 -13.26
CA GLY A 115 9.41 21.10 -12.87
C GLY A 115 7.95 21.10 -13.31
N PRO A 116 7.12 21.97 -12.73
CA PRO A 116 5.73 22.06 -13.18
C PRO A 116 5.56 22.54 -14.61
N PHE A 117 4.36 22.35 -15.16
CA PHE A 117 4.09 22.61 -16.53
C PHE A 117 3.52 23.99 -16.67
N ASP A 118 3.76 24.67 -17.79
CA ASP A 118 3.08 25.97 -18.01
C ASP A 118 1.59 25.76 -18.40
N GLU A 119 0.81 26.83 -18.39
CA GLU A 119 -0.63 26.74 -18.59
C GLU A 119 -1.04 26.20 -19.97
N PHE A 120 -0.23 26.48 -20.97
CA PHE A 120 -0.61 26.06 -22.31
C PHE A 120 -0.42 24.55 -22.37
N GLN A 121 0.67 24.07 -21.76
CA GLN A 121 0.89 22.61 -21.62
C GLN A 121 -0.22 22.00 -20.78
N ILE A 122 -0.60 22.64 -19.68
CA ILE A 122 -1.63 22.04 -18.84
C ILE A 122 -3.01 21.94 -19.57
N ALA A 123 -3.43 23.03 -20.20
CA ALA A 123 -4.70 23.06 -20.96
C ALA A 123 -4.71 22.04 -22.06
N THR A 124 -3.57 21.86 -22.72
CA THR A 124 -3.47 20.87 -23.79
C THR A 124 -3.63 19.49 -23.20
N MET A 125 -2.94 19.23 -22.09
CA MET A 125 -3.00 17.89 -21.47
C MET A 125 -4.38 17.60 -20.91
N LEU A 126 -4.99 18.59 -20.26
CA LEU A 126 -6.32 18.39 -19.68
C LEU A 126 -7.41 18.20 -20.76
N LYS A 127 -7.20 18.80 -21.92
CA LYS A 127 -8.18 18.67 -23.00
C LYS A 127 -8.18 17.20 -23.47
N GLU A 128 -7.01 16.64 -23.63
CA GLU A 128 -6.94 15.23 -24.04
C GLU A 128 -7.51 14.30 -22.98
N ILE A 129 -7.26 14.59 -21.72
CA ILE A 129 -7.90 13.81 -20.66
C ILE A 129 -9.42 13.92 -20.69
N LEU A 130 -9.90 15.14 -20.87
CA LEU A 130 -11.33 15.39 -20.94
C LEU A 130 -11.96 14.70 -22.14
N LYS A 131 -11.26 14.63 -23.27
CA LYS A 131 -11.81 13.92 -24.45
C LYS A 131 -12.07 12.46 -24.10
N GLY A 132 -11.17 11.88 -23.31
CA GLY A 132 -11.28 10.48 -22.89
C GLY A 132 -12.35 10.26 -21.82
N LEU A 133 -12.65 11.30 -21.04
CA LEU A 133 -13.71 11.24 -20.06
C LEU A 133 -15.04 11.45 -20.71
N ASP A 134 -15.02 12.12 -21.86
CA ASP A 134 -16.22 12.39 -22.62
C ASP A 134 -16.52 11.29 -23.64
N TYR A 135 -15.85 10.17 -23.51
CA TYR A 135 -15.97 9.08 -24.46
C TYR A 135 -17.10 8.15 -23.96
N LEU A 136 -18.01 7.71 -24.83
CA LEU A 136 -19.05 6.75 -24.41
C LEU A 136 -18.50 5.32 -24.26
N HIS A 137 -18.45 4.83 -23.04
CA HIS A 137 -17.98 3.45 -22.82
C HIS A 137 -19.17 2.52 -22.65
N SER A 138 -19.15 1.36 -23.33
CA SER A 138 -20.28 0.41 -23.28
C SER A 138 -20.09 -0.53 -22.09
N GLU A 139 -18.90 -0.52 -21.50
CA GLU A 139 -18.56 -1.45 -20.42
C GLU A 139 -19.24 -1.02 -19.12
N LYS A 140 -19.56 -2.01 -18.30
CA LYS A 140 -20.70 -1.90 -17.38
C LYS A 140 -20.54 -0.92 -16.22
N LYS A 141 -19.55 -1.17 -15.36
CA LYS A 141 -19.33 -0.25 -14.25
C LYS A 141 -17.87 0.09 -14.16
N ILE A 142 -17.56 1.15 -14.89
CA ILE A 142 -16.21 1.59 -15.08
C ILE A 142 -15.71 2.20 -13.77
N HIS A 143 -14.49 1.87 -13.38
CA HIS A 143 -13.82 2.66 -12.36
C HIS A 143 -12.61 3.41 -12.98
N ARG A 144 -12.36 4.59 -12.44
CA ARG A 144 -11.32 5.52 -12.95
C ARG A 144 -10.49 6.01 -11.77
N ASP A 145 -9.24 6.37 -12.08
CA ASP A 145 -8.31 6.86 -11.07
C ASP A 145 -7.43 7.95 -11.73
N ILE A 146 -8.03 9.11 -11.88
CA ILE A 146 -7.43 10.23 -12.56
C ILE A 146 -6.40 10.93 -11.66
N LYS A 147 -5.15 10.85 -12.11
CA LYS A 147 -4.02 11.47 -11.45
C LYS A 147 -2.86 11.41 -12.40
N ALA A 148 -1.85 12.20 -12.08
CA ALA A 148 -0.77 12.47 -12.98
C ALA A 148 0.07 11.21 -13.16
N ALA A 149 0.14 10.34 -12.14
CA ALA A 149 0.85 9.07 -12.32
C ALA A 149 0.19 8.21 -13.40
N ASN A 150 -1.13 8.34 -13.57
CA ASN A 150 -1.85 7.57 -14.58
C ASN A 150 -2.02 8.21 -15.93
N VAL A 151 -1.48 9.41 -16.09
CA VAL A 151 -1.55 10.07 -17.40
C VAL A 151 -0.24 9.79 -18.15
N LEU A 152 -0.35 9.08 -19.26
CA LEU A 152 0.80 8.66 -20.11
C LEU A 152 0.90 9.42 -21.45
N LEU A 153 2.11 9.69 -21.88
CA LEU A 153 2.34 10.37 -23.15
C LEU A 153 2.98 9.42 -24.12
N SER A 154 2.52 9.42 -25.36
CA SER A 154 3.26 8.70 -26.41
C SER A 154 4.49 9.55 -26.75
N GLU A 155 5.44 8.98 -27.47
CA GLU A 155 6.56 9.76 -27.97
C GLU A 155 6.16 10.92 -28.89
N GLN A 156 4.96 10.85 -29.51
CA GLN A 156 4.45 11.91 -30.37
C GLN A 156 3.59 12.91 -29.58
N GLY A 157 3.41 12.67 -28.28
CA GLY A 157 2.56 13.54 -27.46
C GLY A 157 1.09 13.20 -27.33
N ASP A 158 0.68 12.00 -27.74
CA ASP A 158 -0.70 11.59 -27.45
C ASP A 158 -0.83 11.29 -25.98
N VAL A 159 -2.01 11.53 -25.43
CA VAL A 159 -2.29 11.41 -24.02
C VAL A 159 -3.27 10.32 -23.81
N LYS A 160 -2.85 9.31 -23.05
CA LYS A 160 -3.74 8.19 -22.71
C LYS A 160 -3.71 7.95 -21.23
N LEU A 161 -4.81 7.44 -20.70
CA LEU A 161 -4.88 7.15 -19.28
C LEU A 161 -4.66 5.67 -19.09
N ALA A 162 -4.01 5.35 -17.98
CA ALA A 162 -3.64 3.99 -17.60
C ALA A 162 -4.48 3.43 -16.44
N ASP A 163 -5.53 4.15 -16.05
CA ASP A 163 -6.35 3.76 -14.90
C ASP A 163 -7.61 2.99 -15.27
N PHE A 164 -7.81 2.73 -16.55
CA PHE A 164 -9.12 2.28 -16.99
C PHE A 164 -9.45 0.81 -16.71
N GLY A 165 -10.62 0.56 -16.10
CA GLY A 165 -11.15 -0.80 -15.87
C GLY A 165 -12.60 -0.83 -15.38
N VAL A 166 -13.10 -2.03 -15.07
CA VAL A 166 -14.50 -2.23 -14.60
C VAL A 166 -14.52 -3.05 -13.29
N ALA A 167 -15.69 -3.15 -12.65
CA ALA A 167 -15.81 -3.86 -11.36
C ALA A 167 -15.85 -5.40 -11.53
N ARG A 177 -9.50 -9.51 -1.24
CA ARG A 177 -8.72 -9.20 -0.04
C ARG A 177 -7.71 -8.09 -0.29
N ASN A 178 -8.22 -6.86 -0.36
CA ASN A 178 -7.39 -5.63 -0.31
C ASN A 178 -7.70 -4.86 0.99
N THR A 179 -6.74 -4.85 1.90
CA THR A 179 -7.05 -4.45 3.26
C THR A 179 -6.67 -3.03 3.66
N PHE A 180 -6.11 -2.24 2.75
CA PHE A 180 -5.67 -0.89 3.06
C PHE A 180 -6.65 0.19 2.49
N VAL A 181 -6.84 1.26 3.24
CA VAL A 181 -7.66 2.38 2.81
C VAL A 181 -7.17 2.99 1.52
N GLY A 182 -5.87 3.32 1.44
CA GLY A 182 -5.36 3.92 0.19
C GLY A 182 -4.96 5.40 0.29
N THR A 183 -4.60 6.02 -0.83
CA THR A 183 -4.17 7.39 -0.86
C THR A 183 -5.37 8.31 -1.06
N PRO A 184 -5.52 9.35 -0.22
CA PRO A 184 -6.72 10.15 -0.28
C PRO A 184 -6.71 11.37 -1.13
N PHE A 185 -5.54 11.78 -1.60
CA PHE A 185 -5.37 13.15 -2.11
C PHE A 185 -6.28 13.53 -3.28
N TRP A 186 -6.69 12.57 -4.09
CA TRP A 186 -7.49 12.84 -5.28
C TRP A 186 -8.93 12.37 -5.08
N MET A 187 -9.25 11.95 -3.87
CA MET A 187 -10.62 11.42 -3.60
C MET A 187 -11.61 12.53 -3.38
N ALA A 188 -12.78 12.38 -3.98
CA ALA A 188 -13.87 13.34 -3.86
C ALA A 188 -14.52 13.20 -2.50
N PRO A 189 -15.12 14.31 -2.04
CA PRO A 189 -15.85 14.33 -0.79
C PRO A 189 -16.89 13.23 -0.69
N GLU A 190 -17.75 13.11 -1.71
CA GLU A 190 -18.83 12.09 -1.69
C GLU A 190 -18.30 10.66 -1.73
N VAL A 191 -17.08 10.46 -2.23
CA VAL A 191 -16.47 9.13 -2.23
C VAL A 191 -16.08 8.76 -0.80
N ILE A 192 -15.65 9.75 -0.02
CA ILE A 192 -15.18 9.53 1.35
C ILE A 192 -16.36 9.37 2.30
N GLN A 193 -17.37 10.22 2.13
CA GLN A 193 -18.57 10.14 2.93
C GLN A 193 -19.35 8.87 2.61
N GLN A 194 -18.82 8.06 1.68
CA GLN A 194 -19.34 6.73 1.35
C GLN A 194 -20.68 6.80 0.62
N SER A 195 -21.04 7.99 0.13
CA SER A 195 -22.20 8.14 -0.76
C SER A 195 -21.99 7.39 -2.10
N ALA A 196 -23.09 6.87 -2.64
CA ALA A 196 -23.09 6.24 -3.97
C ALA A 196 -22.57 7.26 -5.01
N TYR A 197 -21.41 6.98 -5.60
CA TYR A 197 -20.73 7.96 -6.42
C TYR A 197 -20.61 7.60 -7.90
N ASP A 198 -20.90 8.60 -8.73
CA ASP A 198 -20.93 8.48 -10.18
C ASP A 198 -19.63 9.03 -10.80
N SER A 199 -19.70 9.39 -12.08
CA SER A 199 -18.59 9.98 -12.82
C SER A 199 -18.23 11.43 -12.43
N LYS A 200 -19.00 12.06 -11.57
CA LYS A 200 -18.64 13.40 -11.08
C LYS A 200 -17.45 13.37 -10.15
N ALA A 201 -17.21 12.23 -9.51
CA ALA A 201 -15.99 12.03 -8.74
C ALA A 201 -14.73 12.17 -9.59
N ASP A 202 -14.77 11.70 -10.83
CA ASP A 202 -13.60 11.86 -11.73
C ASP A 202 -13.39 13.34 -12.09
N ILE A 203 -14.47 14.14 -12.09
CA ILE A 203 -14.34 15.57 -12.34
C ILE A 203 -13.59 16.22 -11.17
N TRP A 204 -13.96 15.86 -9.95
CA TRP A 204 -13.16 16.30 -8.81
C TRP A 204 -11.71 15.90 -8.92
N SER A 205 -11.45 14.62 -9.18
CA SER A 205 -10.07 14.16 -9.30
C SER A 205 -9.27 14.83 -10.41
N LEU A 206 -9.97 15.20 -11.49
CA LEU A 206 -9.36 15.97 -12.55
C LEU A 206 -8.97 17.34 -12.05
N GLY A 207 -9.80 17.91 -11.20
CA GLY A 207 -9.44 19.21 -10.59
C GLY A 207 -8.17 19.15 -9.76
N ILE A 208 -8.09 18.12 -8.91
CA ILE A 208 -6.89 17.89 -8.08
C ILE A 208 -5.70 17.67 -9.00
N THR A 209 -5.90 16.94 -10.10
CA THR A 209 -4.79 16.65 -11.05
C THR A 209 -4.33 17.92 -11.74
N ALA A 210 -5.25 18.84 -11.96
CA ALA A 210 -4.87 20.15 -12.53
C ALA A 210 -3.97 20.96 -11.56
N ILE A 211 -4.31 20.93 -10.28
CA ILE A 211 -3.44 21.53 -9.29
C ILE A 211 -2.07 20.80 -9.28
N GLU A 212 -2.12 19.48 -9.35
CA GLU A 212 -0.89 18.71 -9.38
C GLU A 212 0.00 19.12 -10.55
N LEU A 213 -0.58 19.40 -11.71
CA LEU A 213 0.24 19.75 -12.87
C LEU A 213 0.81 21.16 -12.81
N ALA A 214 0.14 22.02 -12.08
CA ALA A 214 0.57 23.43 -11.97
C ALA A 214 1.56 23.63 -10.86
N LYS A 215 1.41 22.85 -9.82
CA LYS A 215 2.13 23.07 -8.56
C LYS A 215 3.19 21.95 -8.32
N GLY A 216 3.02 20.78 -8.96
CA GLY A 216 3.96 19.65 -8.76
C GLY A 216 3.40 18.57 -7.88
N GLU A 217 2.42 18.92 -7.05
CA GLU A 217 1.81 17.95 -6.14
C GLU A 217 0.38 18.32 -5.77
N PRO A 218 -0.40 17.33 -5.35
CA PRO A 218 -1.79 17.65 -5.00
C PRO A 218 -1.82 18.48 -3.76
N PRO A 219 -2.90 19.23 -3.52
CA PRO A 219 -3.01 20.08 -2.34
C PRO A 219 -2.92 19.26 -1.08
N ASN A 220 -2.32 19.83 -0.02
CA ASN A 220 -2.14 19.19 1.29
C ASN A 220 -1.30 17.93 1.29
N SER A 221 -0.37 17.87 0.35
CA SER A 221 0.53 16.70 0.20
C SER A 221 1.57 16.60 1.32
N ASP A 222 1.71 17.68 2.08
CA ASP A 222 2.56 17.76 3.25
C ASP A 222 1.86 17.33 4.54
N MET A 223 0.57 17.00 4.46
CA MET A 223 -0.16 16.56 5.66
C MET A 223 -0.19 15.04 5.71
N HIS A 224 -0.40 14.50 6.91
CA HIS A 224 -0.63 13.07 7.11
C HIS A 224 -1.92 12.63 6.40
N PRO A 225 -1.84 11.56 5.58
CA PRO A 225 -2.97 11.06 4.79
C PRO A 225 -4.27 10.76 5.55
N MET A 226 -4.19 10.22 6.74
CA MET A 226 -5.40 10.03 7.50
C MET A 226 -6.03 11.33 7.88
N ARG A 227 -5.20 12.32 8.23
CA ARG A 227 -5.71 13.66 8.51
C ARG A 227 -6.36 14.26 7.25
N VAL A 228 -5.73 14.12 6.09
CA VAL A 228 -6.30 14.66 4.84
C VAL A 228 -7.67 13.99 4.57
N LEU A 229 -7.78 12.69 4.85
CA LEU A 229 -8.99 11.93 4.56
C LEU A 229 -10.20 12.45 5.31
N PHE A 230 -9.99 12.96 6.52
CA PHE A 230 -11.06 13.53 7.32
C PHE A 230 -11.36 14.98 6.94
N LEU A 231 -10.36 15.71 6.48
CA LEU A 231 -10.55 17.13 6.17
C LEU A 231 -11.25 17.38 4.86
N ILE A 232 -11.15 16.45 3.93
CA ILE A 232 -11.69 16.65 2.60
C ILE A 232 -13.20 16.92 2.59
N PRO A 233 -14.00 16.06 3.22
CA PRO A 233 -15.47 16.37 3.31
C PRO A 233 -15.85 17.58 4.17
N LYS A 234 -15.00 17.95 5.14
CA LYS A 234 -15.31 19.06 6.07
C LYS A 234 -14.84 20.45 5.59
N ASN A 235 -13.74 20.50 4.83
CA ASN A 235 -13.13 21.78 4.45
C ASN A 235 -13.70 22.29 3.14
N ASN A 236 -13.58 23.60 2.94
CA ASN A 236 -13.80 24.21 1.65
C ASN A 236 -12.85 23.54 0.67
N PRO A 237 -13.25 23.38 -0.59
CA PRO A 237 -12.36 22.81 -1.58
C PRO A 237 -10.98 23.51 -1.67
N PRO A 238 -9.93 22.76 -2.03
CA PRO A 238 -8.64 23.38 -2.19
C PRO A 238 -8.66 24.32 -3.37
N THR A 239 -7.67 25.21 -3.43
CA THR A 239 -7.55 26.15 -4.55
C THR A 239 -6.11 26.18 -5.02
N LEU A 240 -5.92 26.74 -6.22
CA LEU A 240 -4.59 26.85 -6.84
C LEU A 240 -3.86 28.07 -6.24
N VAL A 241 -2.69 27.81 -5.70
CA VAL A 241 -1.88 28.82 -5.04
C VAL A 241 -0.82 29.25 -6.04
N GLY A 242 -0.80 30.55 -6.38
CA GLY A 242 0.10 31.09 -7.41
C GLY A 242 -0.66 32.08 -8.28
N ASP A 243 0.09 32.98 -8.93
CA ASP A 243 -0.48 34.06 -9.76
C ASP A 243 -0.85 33.51 -11.16
N PHE A 244 -1.71 32.51 -11.19
CA PHE A 244 -2.15 31.88 -12.41
C PHE A 244 -3.28 32.75 -12.97
N THR A 245 -3.64 32.57 -14.23
CA THR A 245 -4.73 33.34 -14.80
C THR A 245 -6.03 32.99 -14.10
N LYS A 246 -6.91 33.97 -14.02
CA LYS A 246 -8.20 33.82 -13.41
C LYS A 246 -9.02 32.68 -14.01
N SER A 247 -8.85 32.42 -15.30
CA SER A 247 -9.66 31.44 -15.98
C SER A 247 -9.23 30.06 -15.61
N PHE A 248 -7.93 29.86 -15.38
CA PHE A 248 -7.41 28.57 -14.90
C PHE A 248 -7.94 28.33 -13.46
N LYS A 249 -7.88 29.35 -12.62
CA LYS A 249 -8.43 29.19 -11.28
C LYS A 249 -9.94 28.91 -11.27
N GLU A 250 -10.66 29.52 -12.21
CA GLU A 250 -12.11 29.25 -12.36
C GLU A 250 -12.41 27.81 -12.87
N PHE A 251 -11.59 27.33 -13.79
CA PHE A 251 -11.67 25.98 -14.26
C PHE A 251 -11.53 25.06 -13.04
N ILE A 252 -10.46 25.22 -12.27
CA ILE A 252 -10.25 24.41 -11.06
C ILE A 252 -11.40 24.49 -10.06
N ASP A 253 -11.92 25.71 -9.87
CA ASP A 253 -13.04 25.96 -8.95
C ASP A 253 -14.28 25.23 -9.35
N ALA A 254 -14.52 25.12 -10.64
CA ALA A 254 -15.65 24.39 -11.20
C ALA A 254 -15.53 22.88 -10.96
N CYS A 255 -14.38 22.30 -11.27
CA CYS A 255 -14.17 20.86 -11.00
C CYS A 255 -14.33 20.57 -9.49
N LEU A 256 -13.76 21.43 -8.65
CA LEU A 256 -13.76 21.22 -7.22
C LEU A 256 -14.97 21.78 -6.47
N ASN A 257 -16.13 21.73 -7.08
CA ASN A 257 -17.32 22.01 -6.33
C ASN A 257 -17.57 20.87 -5.38
N LYS A 258 -17.98 21.22 -4.18
CA LYS A 258 -18.21 20.19 -3.21
C LYS A 258 -19.47 19.36 -3.48
N ASP A 259 -20.48 19.99 -4.07
CA ASP A 259 -21.69 19.28 -4.44
C ASP A 259 -21.43 18.59 -5.78
N PRO A 260 -21.52 17.25 -5.81
CA PRO A 260 -21.40 16.56 -7.07
C PRO A 260 -22.30 17.13 -8.16
N SER A 261 -23.56 17.35 -7.81
CA SER A 261 -24.58 17.81 -8.79
C SER A 261 -24.21 19.09 -9.55
N PHE A 262 -23.41 19.95 -8.94
CA PHE A 262 -22.99 21.22 -9.54
C PHE A 262 -21.58 21.21 -10.17
N ARG A 263 -20.91 20.07 -10.14
CA ARG A 263 -19.69 19.95 -10.92
C ARG A 263 -20.16 19.80 -12.34
N PRO A 264 -19.45 20.40 -13.29
CA PRO A 264 -19.80 20.22 -14.69
C PRO A 264 -19.34 18.87 -15.24
N THR A 265 -19.91 18.49 -16.38
CA THR A 265 -19.55 17.27 -17.10
C THR A 265 -18.25 17.48 -17.90
N ALA A 266 -17.63 16.37 -18.32
CA ALA A 266 -16.37 16.44 -19.07
C ALA A 266 -16.58 17.33 -20.28
N LYS A 267 -17.77 17.18 -20.84
CA LYS A 267 -18.12 17.89 -22.03
C LYS A 267 -18.32 19.40 -21.79
N GLU A 268 -19.03 19.76 -20.73
CA GLU A 268 -19.13 21.20 -20.41
C GLU A 268 -17.71 21.78 -20.23
N LEU A 269 -16.83 21.02 -19.56
CA LEU A 269 -15.48 21.49 -19.30
C LEU A 269 -14.64 21.64 -20.56
N LEU A 270 -14.87 20.80 -21.57
CA LEU A 270 -14.13 20.94 -22.84
C LEU A 270 -14.40 22.26 -23.53
N LYS A 271 -15.51 22.92 -23.15
CA LYS A 271 -15.82 24.25 -23.66
C LYS A 271 -15.50 25.38 -22.71
N HIS A 272 -14.86 25.08 -21.58
CA HIS A 272 -14.45 26.13 -20.69
C HIS A 272 -13.38 26.97 -21.38
N LYS A 273 -13.50 28.27 -21.16
CA LYS A 273 -12.58 29.24 -21.73
C LYS A 273 -11.11 29.03 -21.35
N PHE A 274 -10.82 28.36 -20.25
CA PHE A 274 -9.44 28.01 -19.97
C PHE A 274 -8.90 27.04 -21.03
N ILE A 275 -9.69 26.03 -21.37
CA ILE A 275 -9.27 24.99 -22.32
C ILE A 275 -9.29 25.55 -23.73
N VAL A 276 -10.39 26.18 -24.13
CA VAL A 276 -10.50 26.79 -25.46
C VAL A 276 -9.39 27.83 -25.73
N LYS A 277 -9.11 28.74 -24.78
CA LYS A 277 -8.13 29.82 -25.05
C LYS A 277 -6.68 29.31 -25.06
N ASN A 278 -6.39 28.26 -24.31
CA ASN A 278 -5.01 27.89 -24.01
C ASN A 278 -4.53 26.61 -24.66
N SER A 279 -5.44 25.76 -25.13
CA SER A 279 -5.09 24.51 -25.79
C SER A 279 -4.27 24.69 -27.06
N LYS A 280 -3.28 23.84 -27.23
CA LYS A 280 -2.48 23.78 -28.45
C LYS A 280 -2.56 22.38 -29.03
N LYS A 281 -2.02 22.17 -30.22
CA LYS A 281 -1.91 20.82 -30.77
C LYS A 281 -1.16 19.95 -29.79
N THR A 282 -1.58 18.70 -29.64
CA THR A 282 -1.00 17.76 -28.67
C THR A 282 0.46 17.48 -28.90
N SER A 283 0.91 17.66 -30.15
CA SER A 283 2.33 17.49 -30.49
C SER A 283 3.24 18.42 -29.69
N TYR A 284 2.73 19.58 -29.32
CA TYR A 284 3.44 20.57 -28.49
C TYR A 284 3.88 19.97 -27.11
N LEU A 285 3.23 18.92 -26.65
CA LEU A 285 3.63 18.26 -25.41
C LEU A 285 4.94 17.46 -25.51
N THR A 286 5.42 17.21 -26.73
CA THR A 286 6.76 16.64 -26.89
C THR A 286 7.80 17.52 -26.19
N GLU A 287 7.54 18.82 -26.06
CA GLU A 287 8.52 19.70 -25.39
C GLU A 287 8.75 19.31 -23.92
N LEU A 288 7.71 18.79 -23.29
CA LEU A 288 7.83 18.19 -21.94
C LEU A 288 8.69 16.94 -21.90
N ILE A 289 8.60 16.12 -22.94
CA ILE A 289 9.47 14.96 -23.08
C ILE A 289 10.94 15.44 -23.20
N ASP A 290 11.18 16.38 -24.11
CA ASP A 290 12.51 16.93 -24.34
C ASP A 290 13.00 17.58 -23.04
N ARG A 291 12.14 18.31 -22.36
CA ARG A 291 12.53 18.99 -21.14
C ARG A 291 12.93 18.02 -20.03
N PHE A 292 12.40 16.81 -20.09
CA PHE A 292 12.78 15.78 -19.17
C PHE A 292 14.12 15.21 -19.55
N LYS A 293 14.39 15.16 -20.87
CA LYS A 293 15.68 14.64 -21.36
C LYS A 293 16.85 15.49 -20.90
N ARG A 294 16.77 16.83 -21.01
CA ARG A 294 17.92 17.68 -20.57
C ARG A 294 18.09 17.70 -19.07
N TRP A 295 16.98 17.57 -18.35
CA TRP A 295 17.02 17.39 -16.90
C TRP A 295 17.89 16.18 -16.55
N LYS A 296 17.62 15.06 -17.24
CA LYS A 296 18.44 13.84 -17.15
C LYS A 296 19.87 14.10 -17.62
N ALA A 297 20.02 14.73 -18.78
CA ALA A 297 21.32 15.13 -19.31
C ALA A 297 22.11 16.10 -18.40
N GLU A 298 21.39 16.95 -17.65
CA GLU A 298 22.00 17.91 -16.70
C GLU A 298 22.56 17.20 -15.45
N GLY A 299 22.24 15.92 -15.28
CA GLY A 299 22.67 15.14 -14.12
C GLY A 299 21.54 14.86 -13.13
N HIS A 300 20.51 14.16 -13.58
CA HIS A 300 19.36 13.77 -12.73
C HIS A 300 18.80 14.95 -11.92
N SER A 301 18.90 16.15 -12.48
CA SER A 301 18.74 17.35 -11.67
C SER A 301 18.83 18.62 -12.52
N ALA B 19 30.60 -2.50 0.87
CA ALA B 19 30.89 -3.88 0.41
C ALA B 19 29.64 -4.51 -0.18
N ASP B 20 29.83 -5.35 -1.19
CA ASP B 20 28.74 -5.96 -1.95
C ASP B 20 28.03 -7.05 -1.13
N PRO B 21 26.74 -6.87 -0.83
CA PRO B 21 25.99 -7.87 -0.07
C PRO B 21 25.65 -9.15 -0.85
N GLU B 22 25.75 -9.13 -2.17
CA GLU B 22 25.51 -10.34 -2.95
C GLU B 22 26.65 -11.33 -2.74
N GLU B 23 27.81 -10.80 -2.37
CA GLU B 23 28.97 -11.61 -2.00
C GLU B 23 29.01 -11.93 -0.51
N LEU B 24 28.57 -10.98 0.33
CA LEU B 24 28.58 -11.20 1.79
C LEU B 24 27.49 -12.14 2.28
N PHE B 25 26.39 -12.29 1.54
CA PHE B 25 25.28 -13.12 1.97
C PHE B 25 24.78 -14.03 0.86
N THR B 26 24.34 -15.22 1.24
CA THR B 26 23.68 -16.15 0.33
C THR B 26 22.18 -16.23 0.67
N LYS B 27 21.34 -16.04 -0.35
CA LYS B 27 19.89 -16.18 -0.17
C LYS B 27 19.55 -17.66 -0.16
N LEU B 28 18.81 -18.11 0.84
CA LEU B 28 18.20 -19.43 0.78
C LEU B 28 16.71 -19.23 0.40
N GLU B 29 15.80 -19.74 1.19
CA GLU B 29 14.38 -19.76 0.83
C GLU B 29 13.77 -18.37 1.03
N ARG B 30 12.73 -18.07 0.25
CA ARG B 30 11.89 -16.92 0.53
C ARG B 30 10.99 -17.29 1.71
N ILE B 31 10.88 -16.37 2.68
CA ILE B 31 10.02 -16.57 3.85
C ILE B 31 8.89 -15.55 3.98
N GLY B 32 8.97 -14.44 3.25
CA GLY B 32 7.98 -13.38 3.35
C GLY B 32 7.64 -12.69 2.04
N LYS B 33 6.34 -12.57 1.79
CA LYS B 33 5.83 -11.70 0.74
C LYS B 33 5.12 -10.57 1.50
N GLY B 34 5.92 -9.73 2.17
CA GLY B 34 5.37 -8.72 3.09
C GLY B 34 4.75 -7.52 2.39
N SER B 35 5.40 -6.37 2.48
CA SER B 35 4.90 -5.11 1.88
C SER B 35 5.88 -4.49 0.87
N PHE B 36 6.99 -3.92 1.36
CA PHE B 36 7.95 -3.21 0.50
C PHE B 36 8.80 -4.16 -0.36
N GLY B 37 8.82 -5.44 0.00
CA GLY B 37 9.54 -6.44 -0.78
C GLY B 37 9.51 -7.82 -0.16
N GLU B 38 10.60 -8.53 -0.34
CA GLU B 38 10.67 -9.92 0.07
C GLU B 38 11.63 -10.05 1.24
N VAL B 39 11.37 -11.06 2.06
CA VAL B 39 12.28 -11.45 3.16
C VAL B 39 12.83 -12.84 2.86
N PHE B 40 14.11 -13.03 3.09
CA PHE B 40 14.72 -14.29 2.80
C PHE B 40 15.34 -14.88 4.03
N LYS B 41 15.33 -16.20 4.11
CA LYS B 41 16.27 -16.89 4.98
C LYS B 41 17.61 -16.76 4.27
N GLY B 42 18.62 -16.39 5.01
CA GLY B 42 19.93 -16.17 4.44
C GLY B 42 21.05 -16.70 5.31
N ILE B 43 22.26 -16.54 4.81
CA ILE B 43 23.43 -16.91 5.54
C ILE B 43 24.57 -15.92 5.28
N ASP B 44 25.12 -15.39 6.38
CA ASP B 44 26.29 -14.52 6.41
C ASP B 44 27.55 -15.33 6.04
N ASN B 45 28.16 -14.99 4.92
CA ASN B 45 29.31 -15.73 4.37
C ASN B 45 30.63 -15.48 5.11
N ARG B 46 30.59 -14.64 6.14
CA ARG B 46 31.79 -14.29 6.93
C ARG B 46 31.76 -14.85 8.34
N THR B 47 30.58 -15.03 8.90
CA THR B 47 30.44 -15.65 10.22
C THR B 47 29.64 -16.97 10.21
N GLN B 48 28.97 -17.25 9.09
CA GLN B 48 28.09 -18.42 8.94
C GLN B 48 26.83 -18.43 9.84
N GLN B 49 26.46 -17.29 10.40
CA GLN B 49 25.21 -17.17 11.10
C GLN B 49 24.06 -17.20 10.09
N VAL B 50 23.05 -18.03 10.35
CA VAL B 50 21.77 -17.92 9.64
C VAL B 50 21.16 -16.57 9.96
N VAL B 51 20.52 -15.94 8.97
CA VAL B 51 19.89 -14.66 9.20
C VAL B 51 18.63 -14.47 8.34
N ALA B 52 17.84 -13.45 8.68
CA ALA B 52 16.71 -13.08 7.86
C ALA B 52 17.14 -11.86 7.08
N ILE B 53 16.87 -11.87 5.77
CA ILE B 53 17.27 -10.78 4.90
C ILE B 53 16.03 -10.13 4.31
N LYS B 54 15.83 -8.87 4.61
CA LYS B 54 14.74 -8.13 3.99
C LYS B 54 15.28 -7.18 2.94
N ILE B 55 14.90 -7.38 1.68
CA ILE B 55 15.41 -6.53 0.62
C ILE B 55 14.32 -5.53 0.23
N ILE B 56 14.69 -4.27 0.16
CA ILE B 56 13.75 -3.22 -0.27
C ILE B 56 14.38 -2.32 -1.34
N ASP B 57 13.68 -2.13 -2.46
CA ASP B 57 14.16 -1.25 -3.55
C ASP B 57 13.82 0.19 -3.20
N LEU B 58 14.82 1.06 -3.24
CA LEU B 58 14.64 2.49 -2.97
C LEU B 58 15.08 3.29 -4.20
N GLU B 59 14.79 2.76 -5.39
CA GLU B 59 15.26 3.33 -6.66
C GLU B 59 15.15 4.86 -6.73
N GLU B 60 13.93 5.35 -6.64
CA GLU B 60 13.69 6.78 -6.78
C GLU B 60 13.82 7.47 -5.41
N ALA B 61 13.81 6.67 -4.35
CA ALA B 61 13.95 7.20 -3.00
C ALA B 61 15.35 7.01 -2.42
N GLU B 62 16.39 7.40 -3.17
CA GLU B 62 17.77 7.30 -2.70
C GLU B 62 18.04 8.15 -1.46
N ASP B 63 17.34 9.29 -1.33
CA ASP B 63 17.50 10.16 -0.16
C ASP B 63 17.04 9.49 1.14
N GLU B 64 16.01 8.65 1.03
CA GLU B 64 15.51 7.86 2.13
C GLU B 64 16.55 6.88 2.71
N ILE B 65 17.53 6.45 1.91
CA ILE B 65 18.50 5.42 2.30
C ILE B 65 19.29 5.69 3.58
N GLU B 66 19.96 6.83 3.65
CA GLU B 66 20.83 7.16 4.79
C GLU B 66 20.03 7.25 6.12
N ASP B 67 18.79 7.70 6.02
CA ASP B 67 17.85 7.73 7.14
C ASP B 67 17.52 6.28 7.58
N ILE B 68 17.23 5.40 6.63
CA ILE B 68 16.84 4.03 6.94
C ILE B 68 18.00 3.24 7.60
N GLN B 69 19.22 3.42 7.09
CA GLN B 69 20.42 2.89 7.74
C GLN B 69 20.78 3.60 9.06
N GLN B 70 20.39 4.87 9.20
CA GLN B 70 20.55 5.53 10.49
C GLN B 70 19.72 4.78 11.56
N GLU B 71 18.43 4.59 11.25
CA GLU B 71 17.46 3.91 12.12
C GLU B 71 17.88 2.45 12.38
N ILE B 72 18.36 1.74 11.37
CA ILE B 72 18.72 0.33 11.52
C ILE B 72 19.85 0.24 12.50
N THR B 73 20.76 1.20 12.44
CA THR B 73 21.92 1.21 13.32
C THR B 73 21.54 1.43 14.78
N VAL B 74 20.62 2.34 15.03
CA VAL B 74 20.12 2.59 16.38
C VAL B 74 19.35 1.35 16.90
N LEU B 75 18.49 0.78 16.07
CA LEU B 75 17.72 -0.41 16.44
C LEU B 75 18.63 -1.58 16.81
N SER B 76 19.72 -1.76 16.06
CA SER B 76 20.68 -2.83 16.38
C SER B 76 21.35 -2.69 17.77
N GLN B 77 21.18 -1.54 18.45
CA GLN B 77 21.70 -1.32 19.80
C GLN B 77 20.67 -1.60 20.88
N CYS B 78 19.44 -1.87 20.47
CA CYS B 78 18.35 -2.25 21.41
C CYS B 78 18.70 -3.54 22.13
N ASP B 79 18.26 -3.69 23.38
CA ASP B 79 18.62 -4.87 24.17
C ASP B 79 17.46 -5.86 24.36
N SER B 80 16.34 -5.61 23.73
CA SER B 80 15.14 -6.43 23.99
C SER B 80 15.27 -7.84 23.40
N SER B 81 14.95 -8.87 24.19
CA SER B 81 14.90 -10.23 23.67
C SER B 81 13.54 -10.54 23.06
N TYR B 82 12.63 -9.55 23.07
CA TYR B 82 11.27 -9.71 22.54
C TYR B 82 11.04 -9.01 21.21
N VAL B 83 12.13 -8.59 20.57
CA VAL B 83 12.07 -8.04 19.24
C VAL B 83 13.08 -8.80 18.42
N THR B 84 12.85 -8.89 17.11
CA THR B 84 13.79 -9.56 16.21
C THR B 84 14.90 -8.57 16.07
N LYS B 85 16.14 -8.98 16.37
CA LYS B 85 17.28 -8.06 16.39
C LYS B 85 17.70 -7.70 14.99
N TYR B 86 18.15 -6.46 14.84
CA TYR B 86 18.78 -5.97 13.63
C TYR B 86 20.30 -6.10 13.75
N TYR B 87 20.94 -6.65 12.73
CA TYR B 87 22.40 -6.80 12.75
C TYR B 87 23.08 -5.73 11.97
N GLY B 88 22.42 -5.18 10.96
CA GLY B 88 23.03 -4.13 10.13
C GLY B 88 22.34 -4.03 8.79
N SER B 89 22.92 -3.25 7.88
CA SER B 89 22.41 -3.14 6.52
C SER B 89 23.49 -2.76 5.53
N TYR B 90 23.27 -3.09 4.27
CA TYR B 90 24.27 -2.95 3.21
C TYR B 90 23.61 -2.45 1.94
N LEU B 91 24.15 -1.38 1.38
CA LEU B 91 23.60 -0.81 0.18
C LEU B 91 24.14 -1.59 -1.02
N LYS B 92 23.26 -1.91 -1.96
CA LYS B 92 23.67 -2.43 -3.25
C LYS B 92 22.85 -1.83 -4.37
N GLY B 93 23.44 -0.86 -5.07
CA GLY B 93 22.74 -0.14 -6.13
C GLY B 93 21.88 0.87 -5.43
N SER B 94 20.57 0.82 -5.66
CA SER B 94 19.64 1.55 -4.82
C SER B 94 18.81 0.59 -3.97
N LYS B 95 19.26 -0.66 -3.85
CA LYS B 95 18.62 -1.62 -2.93
C LYS B 95 19.37 -1.75 -1.61
N LEU B 96 18.61 -1.81 -0.53
CA LEU B 96 19.16 -1.92 0.81
C LEU B 96 18.81 -3.29 1.34
N TRP B 97 19.84 -4.03 1.72
CA TRP B 97 19.67 -5.36 2.30
C TRP B 97 19.72 -5.21 3.80
N ILE B 98 18.60 -5.49 4.46
CA ILE B 98 18.54 -5.40 5.92
C ILE B 98 18.70 -6.75 6.59
N ILE B 99 19.74 -6.89 7.41
CA ILE B 99 20.12 -8.21 7.98
C ILE B 99 19.52 -8.29 9.37
N MET B 100 18.78 -9.34 9.64
CA MET B 100 18.09 -9.43 10.91
C MET B 100 18.16 -10.85 11.44
N GLU B 101 17.81 -10.97 12.71
CA GLU B 101 17.71 -12.25 13.38
C GLU B 101 16.70 -13.13 12.64
N TYR B 102 17.06 -14.40 12.43
CA TYR B 102 16.16 -15.37 11.83
C TYR B 102 15.43 -16.20 12.91
N LEU B 103 14.10 -16.22 12.85
CA LEU B 103 13.28 -17.08 13.69
C LEU B 103 12.60 -18.13 12.82
N GLY B 104 12.81 -19.39 13.14
CA GLY B 104 12.38 -20.46 12.25
C GLY B 104 11.06 -21.15 12.52
N GLY B 105 10.26 -20.60 13.43
CA GLY B 105 9.02 -21.27 13.85
C GLY B 105 7.84 -20.86 13.00
N GLY B 106 7.98 -19.75 12.29
CA GLY B 106 6.87 -19.11 11.58
C GLY B 106 6.18 -18.01 12.40
N SER B 107 5.36 -17.21 11.72
CA SER B 107 4.50 -16.25 12.39
C SER B 107 3.28 -16.95 12.95
N ALA B 108 2.61 -16.27 13.87
CA ALA B 108 1.32 -16.71 14.40
C ALA B 108 0.34 -16.83 13.25
N LEU B 109 0.38 -15.89 12.30
CA LEU B 109 -0.55 -15.92 11.18
C LEU B 109 -0.28 -17.17 10.32
N ASP B 110 0.98 -17.51 10.09
CA ASP B 110 1.31 -18.74 9.38
C ASP B 110 0.79 -19.96 10.13
N LEU B 111 0.94 -19.99 11.45
CA LEU B 111 0.50 -21.14 12.24
C LEU B 111 -1.01 -21.30 12.33
N LEU B 112 -1.71 -20.16 12.29
CA LEU B 112 -3.17 -20.12 12.26
C LEU B 112 -3.75 -20.82 11.06
N ARG B 113 -3.00 -20.91 9.96
CA ARG B 113 -3.52 -21.59 8.78
C ARG B 113 -3.98 -23.02 9.08
N ALA B 114 -3.35 -23.68 10.06
CA ALA B 114 -3.79 -25.00 10.52
C ALA B 114 -4.92 -24.93 11.59
N GLY B 115 -5.59 -23.78 11.73
CA GLY B 115 -6.81 -23.62 12.58
C GLY B 115 -6.50 -22.65 13.72
N PRO B 116 -7.53 -22.02 14.33
CA PRO B 116 -7.25 -21.20 15.53
C PRO B 116 -6.57 -21.96 16.68
N PHE B 117 -6.08 -21.18 17.66
CA PHE B 117 -5.31 -21.73 18.77
C PHE B 117 -6.28 -22.03 19.90
N ASP B 118 -5.93 -22.94 20.82
CA ASP B 118 -6.73 -23.03 22.06
C ASP B 118 -6.36 -21.88 23.05
N GLU B 119 -7.18 -21.72 24.10
CA GLU B 119 -6.95 -20.65 25.08
C GLU B 119 -5.61 -20.69 25.81
N PHE B 120 -5.08 -21.89 26.08
CA PHE B 120 -3.82 -22.02 26.81
C PHE B 120 -2.67 -21.53 25.91
N GLN B 121 -2.73 -21.93 24.65
CA GLN B 121 -1.79 -21.42 23.64
C GLN B 121 -1.90 -19.91 23.45
N ILE B 122 -3.12 -19.39 23.45
CA ILE B 122 -3.30 -17.96 23.26
C ILE B 122 -2.79 -17.19 24.46
N ALA B 123 -3.16 -17.64 25.65
CA ALA B 123 -2.64 -17.03 26.88
C ALA B 123 -1.11 -17.01 26.92
N THR B 124 -0.50 -18.10 26.50
CA THR B 124 0.95 -18.24 26.56
C THR B 124 1.54 -17.24 25.56
N MET B 125 1.02 -17.25 24.37
CA MET B 125 1.52 -16.33 23.38
C MET B 125 1.31 -14.86 23.78
N LEU B 126 0.12 -14.52 24.29
CA LEU B 126 -0.13 -13.15 24.72
C LEU B 126 0.75 -12.72 25.90
N LYS B 127 1.14 -13.65 26.73
CA LYS B 127 1.96 -13.29 27.89
C LYS B 127 3.34 -12.88 27.46
N GLU B 128 3.90 -13.60 26.50
CA GLU B 128 5.21 -13.23 25.93
C GLU B 128 5.18 -11.90 25.20
N ILE B 129 4.14 -11.65 24.42
CA ILE B 129 4.00 -10.36 23.79
C ILE B 129 3.98 -9.26 24.86
N LEU B 130 3.16 -9.46 25.89
CA LEU B 130 3.04 -8.46 26.96
C LEU B 130 4.35 -8.20 27.71
N LYS B 131 5.16 -9.25 27.88
CA LYS B 131 6.47 -9.05 28.50
C LYS B 131 7.35 -8.11 27.67
N GLY B 132 7.23 -8.19 26.36
CA GLY B 132 7.92 -7.27 25.46
C GLY B 132 7.33 -5.88 25.42
N LEU B 133 6.02 -5.74 25.68
CA LEU B 133 5.35 -4.45 25.70
C LEU B 133 5.65 -3.78 27.04
N ASP B 134 5.90 -4.60 28.04
CA ASP B 134 6.27 -4.11 29.35
C ASP B 134 7.82 -3.87 29.47
N TYR B 135 8.51 -3.78 28.36
CA TYR B 135 9.94 -3.61 28.33
C TYR B 135 10.25 -2.08 28.33
N LEU B 136 11.23 -1.63 29.13
CA LEU B 136 11.65 -0.22 29.03
C LEU B 136 12.59 0.02 27.83
N HIS B 137 12.11 0.77 26.84
CA HIS B 137 12.93 1.08 25.67
C HIS B 137 13.52 2.44 25.88
N SER B 138 14.78 2.62 25.54
CA SER B 138 15.44 3.93 25.62
C SER B 138 15.29 4.74 24.32
N GLU B 139 14.84 4.08 23.26
CA GLU B 139 14.76 4.73 21.94
C GLU B 139 13.60 5.72 21.91
N LYS B 140 13.72 6.72 21.04
CA LYS B 140 12.99 7.94 21.27
C LYS B 140 11.49 7.84 21.05
N LYS B 141 11.06 7.60 19.82
CA LYS B 141 9.63 7.55 19.58
C LYS B 141 9.38 6.28 18.83
N ILE B 142 9.15 5.25 19.61
CA ILE B 142 8.93 3.92 19.12
C ILE B 142 7.57 3.89 18.42
N HIS B 143 7.52 3.24 17.27
CA HIS B 143 6.23 2.80 16.71
C HIS B 143 6.15 1.27 16.74
N ARG B 144 4.92 0.79 16.93
CA ARG B 144 4.59 -0.62 17.03
C ARG B 144 3.47 -0.91 16.06
N ASP B 145 3.41 -2.16 15.61
CA ASP B 145 2.34 -2.66 14.79
C ASP B 145 2.08 -4.11 15.24
N ILE B 146 1.36 -4.22 16.34
CA ILE B 146 1.02 -5.52 16.93
C ILE B 146 -0.11 -6.19 16.16
N LYS B 147 0.20 -7.31 15.55
CA LYS B 147 -0.73 -8.15 14.88
C LYS B 147 -0.08 -9.51 14.65
N ALA B 148 -0.91 -10.49 14.33
CA ALA B 148 -0.50 -11.86 14.26
C ALA B 148 0.60 -12.03 13.26
N ALA B 149 0.48 -11.34 12.13
CA ALA B 149 1.52 -11.40 11.08
C ALA B 149 2.89 -10.99 11.59
N ASN B 150 2.94 -10.12 12.58
CA ASN B 150 4.24 -9.69 13.15
C ASN B 150 4.70 -10.45 14.37
N VAL B 151 3.94 -11.47 14.78
CA VAL B 151 4.37 -12.26 15.93
C VAL B 151 5.08 -13.48 15.37
N LEU B 152 6.35 -13.63 15.72
CA LEU B 152 7.20 -14.72 15.25
C LEU B 152 7.60 -15.68 16.39
N LEU B 153 7.71 -16.97 16.08
CA LEU B 153 8.11 -17.98 17.05
C LEU B 153 9.49 -18.48 16.65
N SER B 154 10.35 -18.72 17.63
CA SER B 154 11.60 -19.45 17.37
C SER B 154 11.25 -20.91 17.32
N GLU B 155 12.15 -21.73 16.79
CA GLU B 155 11.93 -23.19 16.80
C GLU B 155 11.73 -23.80 18.20
N GLN B 156 12.20 -23.09 19.22
CA GLN B 156 12.03 -23.50 20.59
C GLN B 156 10.80 -22.87 21.25
N GLY B 157 10.04 -22.09 20.50
CA GLY B 157 8.82 -21.46 21.01
C GLY B 157 8.96 -20.08 21.64
N ASP B 158 10.09 -19.41 21.45
CA ASP B 158 10.19 -18.03 21.93
C ASP B 158 9.37 -17.14 21.01
N VAL B 159 8.78 -16.11 21.59
CA VAL B 159 7.86 -15.24 20.89
C VAL B 159 8.52 -13.90 20.78
N LYS B 160 8.76 -13.45 19.54
CA LYS B 160 9.32 -12.12 19.31
C LYS B 160 8.50 -11.32 18.33
N LEU B 161 8.53 -10.00 18.44
CA LEU B 161 7.79 -9.18 17.47
C LEU B 161 8.73 -8.66 16.39
N ALA B 162 8.18 -8.57 15.19
CA ALA B 162 8.91 -8.12 13.99
C ALA B 162 8.49 -6.72 13.55
N ASP B 163 7.70 -6.02 14.37
CA ASP B 163 7.18 -4.67 14.01
C ASP B 163 8.01 -3.48 14.52
N PHE B 164 9.03 -3.74 15.33
CA PHE B 164 9.62 -2.70 16.16
C PHE B 164 10.50 -1.65 15.37
N GLY B 165 10.24 -0.37 15.60
CA GLY B 165 11.01 0.72 15.00
C GLY B 165 10.93 2.06 15.72
N VAL B 166 11.55 3.07 15.11
CA VAL B 166 11.61 4.43 15.69
C VAL B 166 10.98 5.44 14.74
N ALA B 167 10.32 6.46 15.30
CA ALA B 167 9.72 7.54 14.52
C ALA B 167 10.74 8.62 14.21
N ASN B 178 5.18 8.58 2.62
CA ASN B 178 4.06 7.65 2.71
C ASN B 178 2.78 8.21 2.06
N THR B 179 2.40 7.65 0.92
CA THR B 179 1.25 8.13 0.18
C THR B 179 -0.05 7.60 0.76
N PHE B 180 -0.04 6.47 1.48
CA PHE B 180 -1.30 5.79 1.80
C PHE B 180 -1.72 5.69 3.29
N VAL B 181 -3.02 5.69 3.48
CA VAL B 181 -3.62 5.61 4.79
C VAL B 181 -3.31 4.32 5.56
N GLY B 182 -3.49 3.17 4.91
CA GLY B 182 -3.01 1.90 5.52
C GLY B 182 -4.18 1.04 5.98
N THR B 183 -3.86 -0.08 6.61
CA THR B 183 -4.84 -1.04 7.03
C THR B 183 -5.33 -0.61 8.42
N PRO B 184 -6.65 -0.54 8.61
CA PRO B 184 -7.18 0.01 9.85
C PRO B 184 -7.57 -0.97 10.95
N PHE B 185 -7.46 -2.28 10.71
CA PHE B 185 -8.13 -3.24 11.61
C PHE B 185 -7.55 -3.25 13.03
N TRP B 186 -6.27 -2.90 13.18
CA TRP B 186 -5.62 -2.93 14.48
C TRP B 186 -5.49 -1.56 15.10
N MET B 187 -5.99 -0.51 14.41
CA MET B 187 -5.79 0.84 14.91
C MET B 187 -6.73 1.14 16.09
N ALA B 188 -6.19 1.82 17.10
CA ALA B 188 -6.99 2.35 18.21
C ALA B 188 -7.82 3.52 17.80
N PRO B 189 -8.95 3.77 18.50
CA PRO B 189 -9.82 4.90 18.25
C PRO B 189 -9.10 6.24 18.31
N GLU B 190 -8.27 6.44 19.33
CA GLU B 190 -7.57 7.71 19.48
C GLU B 190 -6.51 7.93 18.38
N VAL B 191 -6.00 6.86 17.78
CA VAL B 191 -5.02 6.99 16.73
C VAL B 191 -5.75 7.52 15.48
N ILE B 192 -7.00 7.06 15.26
CA ILE B 192 -7.77 7.48 14.09
C ILE B 192 -8.29 8.89 14.26
N GLN B 193 -8.79 9.23 15.44
CA GLN B 193 -9.27 10.59 15.72
C GLN B 193 -8.12 11.60 15.78
N GLN B 194 -6.89 11.11 15.54
CA GLN B 194 -5.69 11.95 15.35
C GLN B 194 -5.24 12.58 16.65
N SER B 195 -5.80 12.11 17.76
CA SER B 195 -5.30 12.49 19.09
C SER B 195 -3.84 12.01 19.31
N ALA B 196 -3.05 12.82 20.02
CA ALA B 196 -1.69 12.45 20.45
C ALA B 196 -1.70 11.12 21.24
N TYR B 197 -1.13 10.07 20.65
CA TYR B 197 -1.31 8.73 21.18
C TYR B 197 -0.05 8.06 21.72
N ASP B 198 -0.21 7.50 22.91
CA ASP B 198 0.87 6.88 23.66
C ASP B 198 0.88 5.36 23.44
N SER B 199 1.54 4.63 24.35
CA SER B 199 1.61 3.18 24.34
C SER B 199 0.29 2.45 24.62
N LYS B 200 -0.77 3.17 25.01
CA LYS B 200 -2.09 2.53 25.22
C LYS B 200 -2.66 2.04 23.91
N ALA B 201 -2.34 2.71 22.79
CA ALA B 201 -2.73 2.23 21.45
C ALA B 201 -2.25 0.81 21.20
N ASP B 202 -1.05 0.44 21.69
CA ASP B 202 -0.57 -0.95 21.49
C ASP B 202 -1.44 -1.99 22.27
N ILE B 203 -1.98 -1.58 23.42
CA ILE B 203 -2.82 -2.43 24.24
C ILE B 203 -4.07 -2.72 23.46
N TRP B 204 -4.68 -1.68 22.90
CA TRP B 204 -5.81 -1.87 21.96
C TRP B 204 -5.45 -2.85 20.83
N SER B 205 -4.33 -2.63 20.16
CA SER B 205 -3.93 -3.53 19.10
C SER B 205 -3.72 -4.96 19.61
N LEU B 206 -3.27 -5.09 20.85
CA LEU B 206 -3.09 -6.40 21.45
C LEU B 206 -4.42 -7.06 21.62
N GLY B 207 -5.42 -6.26 21.96
CA GLY B 207 -6.79 -6.82 22.08
C GLY B 207 -7.28 -7.37 20.76
N ILE B 208 -7.05 -6.59 19.69
CA ILE B 208 -7.49 -7.00 18.34
C ILE B 208 -6.73 -8.29 17.96
N THR B 209 -5.42 -8.30 18.22
CA THR B 209 -4.61 -9.49 17.94
C THR B 209 -5.08 -10.73 18.74
N ALA B 210 -5.60 -10.53 19.97
CA ALA B 210 -6.22 -11.60 20.76
C ALA B 210 -7.45 -12.24 20.06
N ILE B 211 -8.30 -11.38 19.53
CA ILE B 211 -9.41 -11.82 18.70
C ILE B 211 -8.88 -12.48 17.45
N GLU B 212 -7.88 -11.89 16.81
CA GLU B 212 -7.29 -12.54 15.61
C GLU B 212 -6.78 -13.96 15.90
N LEU B 213 -6.17 -14.19 17.05
CA LEU B 213 -5.65 -15.51 17.33
C LEU B 213 -6.75 -16.57 17.64
N ALA B 214 -7.91 -16.11 18.10
CA ALA B 214 -8.99 -16.97 18.52
C ALA B 214 -9.91 -17.26 17.31
N LYS B 215 -10.01 -16.28 16.44
CA LYS B 215 -11.01 -16.29 15.41
C LYS B 215 -10.38 -16.52 14.02
N GLY B 216 -9.10 -16.19 13.84
CA GLY B 216 -8.41 -16.33 12.54
C GLY B 216 -8.21 -15.00 11.83
N GLU B 217 -8.96 -14.00 12.25
CA GLU B 217 -8.86 -12.70 11.63
C GLU B 217 -9.44 -11.60 12.51
N PRO B 218 -8.98 -10.37 12.32
CA PRO B 218 -9.50 -9.29 13.14
C PRO B 218 -10.97 -9.04 12.88
N PRO B 219 -11.66 -8.41 13.85
CA PRO B 219 -13.09 -8.16 13.71
C PRO B 219 -13.37 -7.29 12.46
N ASN B 220 -14.51 -7.52 11.84
CA ASN B 220 -14.97 -6.77 10.67
C ASN B 220 -14.04 -6.83 9.44
N SER B 221 -13.36 -7.95 9.31
CA SER B 221 -12.36 -8.17 8.29
C SER B 221 -13.04 -8.34 6.93
N ASP B 222 -14.32 -8.68 6.99
CA ASP B 222 -15.21 -8.72 5.83
C ASP B 222 -15.75 -7.34 5.40
N MET B 223 -15.40 -6.26 6.08
CA MET B 223 -15.90 -4.93 5.67
C MET B 223 -14.88 -4.11 4.94
N HIS B 224 -15.32 -3.24 4.04
CA HIS B 224 -14.39 -2.34 3.31
C HIS B 224 -13.60 -1.46 4.29
N PRO B 225 -12.26 -1.39 4.13
CA PRO B 225 -11.36 -0.80 5.11
C PRO B 225 -11.70 0.66 5.43
N MET B 226 -12.06 1.43 4.40
CA MET B 226 -12.42 2.82 4.64
C MET B 226 -13.66 2.92 5.52
N ARG B 227 -14.61 2.02 5.30
CA ARG B 227 -15.77 1.96 6.16
C ARG B 227 -15.34 1.57 7.57
N VAL B 228 -14.45 0.59 7.71
CA VAL B 228 -14.00 0.24 9.04
C VAL B 228 -13.32 1.42 9.74
N LEU B 229 -12.48 2.14 9.02
CA LEU B 229 -11.73 3.23 9.61
C LEU B 229 -12.63 4.32 10.26
N PHE B 230 -13.78 4.56 9.65
CA PHE B 230 -14.73 5.51 10.20
C PHE B 230 -15.58 4.98 11.35
N LEU B 231 -15.80 3.66 11.39
CA LEU B 231 -16.64 3.06 12.42
C LEU B 231 -15.90 2.91 13.75
N ILE B 232 -14.58 2.72 13.70
CA ILE B 232 -13.84 2.39 14.90
C ILE B 232 -14.03 3.45 16.04
N PRO B 233 -13.87 4.74 15.73
CA PRO B 233 -14.11 5.72 16.77
C PRO B 233 -15.57 5.88 17.18
N LYS B 234 -16.51 5.52 16.28
CA LYS B 234 -17.94 5.73 16.56
C LYS B 234 -18.58 4.56 17.30
N ASN B 235 -18.16 3.34 16.99
CA ASN B 235 -18.87 2.13 17.44
C ASN B 235 -18.37 1.70 18.82
N ASN B 236 -19.19 0.90 19.49
CA ASN B 236 -18.73 0.17 20.65
C ASN B 236 -17.52 -0.71 20.26
N PRO B 237 -16.60 -0.94 21.18
CA PRO B 237 -15.48 -1.85 20.85
C PRO B 237 -15.93 -3.24 20.37
N PRO B 238 -15.18 -3.85 19.46
CA PRO B 238 -15.53 -5.19 19.05
C PRO B 238 -15.39 -6.18 20.21
N THR B 239 -16.05 -7.33 20.10
CA THR B 239 -15.96 -8.40 21.12
C THR B 239 -15.62 -9.74 20.47
N LEU B 240 -15.23 -10.68 21.32
CA LEU B 240 -14.88 -12.02 20.88
C LEU B 240 -16.15 -12.83 20.68
N VAL B 241 -16.38 -13.32 19.45
CA VAL B 241 -17.56 -14.08 19.06
C VAL B 241 -17.23 -15.58 19.14
N GLY B 242 -17.94 -16.30 20.02
CA GLY B 242 -17.66 -17.72 20.30
C GLY B 242 -17.80 -18.02 21.79
N ASP B 243 -18.03 -19.28 22.14
CA ASP B 243 -18.21 -19.74 23.52
C ASP B 243 -16.87 -19.87 24.24
N PHE B 244 -16.13 -18.77 24.33
CA PHE B 244 -14.86 -18.75 25.00
C PHE B 244 -15.11 -18.56 26.48
N THR B 245 -14.09 -18.75 27.30
CA THR B 245 -14.24 -18.50 28.75
C THR B 245 -14.50 -17.02 29.00
N LYS B 246 -15.25 -16.75 30.05
CA LYS B 246 -15.60 -15.41 30.45
C LYS B 246 -14.33 -14.61 30.69
N SER B 247 -13.30 -15.24 31.24
CA SER B 247 -12.10 -14.50 31.62
C SER B 247 -11.32 -14.04 30.39
N PHE B 248 -11.34 -14.85 29.34
CA PHE B 248 -10.71 -14.48 28.08
C PHE B 248 -11.45 -13.30 27.48
N LYS B 249 -12.78 -13.30 27.55
CA LYS B 249 -13.56 -12.18 27.02
C LYS B 249 -13.42 -10.92 27.86
N GLU B 250 -13.22 -11.09 29.15
CA GLU B 250 -12.91 -9.96 30.04
C GLU B 250 -11.51 -9.37 29.74
N PHE B 251 -10.56 -10.23 29.37
CA PHE B 251 -9.23 -9.78 28.99
C PHE B 251 -9.33 -8.88 27.77
N ILE B 252 -9.98 -9.40 26.73
CA ILE B 252 -10.22 -8.63 25.50
C ILE B 252 -11.03 -7.33 25.73
N ASP B 253 -12.04 -7.38 26.58
CA ASP B 253 -12.84 -6.18 26.97
C ASP B 253 -11.97 -5.07 27.61
N ALA B 254 -11.04 -5.48 28.45
CA ALA B 254 -10.15 -4.56 29.14
C ALA B 254 -9.15 -3.93 28.15
N CYS B 255 -8.50 -4.71 27.29
CA CYS B 255 -7.66 -4.10 26.26
C CYS B 255 -8.44 -3.13 25.40
N LEU B 256 -9.64 -3.55 25.01
CA LEU B 256 -10.45 -2.78 24.06
C LEU B 256 -11.37 -1.75 24.75
N ASN B 257 -10.93 -1.16 25.84
CA ASN B 257 -11.60 0.03 26.35
C ASN B 257 -11.44 1.20 25.41
N LYS B 258 -12.54 1.89 25.12
CA LYS B 258 -12.48 2.99 24.17
C LYS B 258 -11.68 4.18 24.71
N ASP B 259 -11.74 4.42 26.01
CA ASP B 259 -10.93 5.47 26.61
C ASP B 259 -9.53 4.93 26.87
N PRO B 260 -8.51 5.52 26.24
CA PRO B 260 -7.14 5.13 26.51
C PRO B 260 -6.80 5.10 28.02
N SER B 261 -7.19 6.14 28.73
CA SER B 261 -6.86 6.29 30.14
C SER B 261 -7.33 5.15 31.05
N PHE B 262 -8.34 4.40 30.62
CA PHE B 262 -8.84 3.25 31.36
C PHE B 262 -8.44 1.91 30.75
N ARG B 263 -7.65 1.88 29.68
CA ARG B 263 -7.06 0.60 29.25
C ARG B 263 -5.93 0.34 30.21
N PRO B 264 -5.76 -0.93 30.61
CA PRO B 264 -4.68 -1.24 31.53
C PRO B 264 -3.33 -1.21 30.85
N THR B 265 -2.28 -1.14 31.65
CA THR B 265 -0.90 -1.26 31.16
C THR B 265 -0.57 -2.73 30.91
N ALA B 266 0.51 -2.95 30.16
CA ALA B 266 0.99 -4.28 29.83
C ALA B 266 1.19 -5.02 31.13
N LYS B 267 1.70 -4.30 32.11
CA LYS B 267 2.01 -4.91 33.39
C LYS B 267 0.76 -5.35 34.18
N GLU B 268 -0.26 -4.49 34.24
CA GLU B 268 -1.53 -4.87 34.82
C GLU B 268 -2.15 -6.08 34.09
N LEU B 269 -2.01 -6.13 32.78
CA LEU B 269 -2.52 -7.26 31.99
C LEU B 269 -1.77 -8.58 32.26
N LEU B 270 -0.46 -8.53 32.52
CA LEU B 270 0.31 -9.74 32.89
C LEU B 270 -0.18 -10.38 34.16
N LYS B 271 -0.95 -9.65 34.95
CA LYS B 271 -1.58 -10.25 36.13
C LYS B 271 -3.07 -10.44 36.01
N HIS B 272 -3.59 -10.38 34.80
CA HIS B 272 -4.96 -10.69 34.53
C HIS B 272 -5.14 -12.17 34.65
N LYS B 273 -6.24 -12.55 35.29
CA LYS B 273 -6.56 -13.96 35.56
C LYS B 273 -6.71 -14.83 34.29
N PHE B 274 -6.97 -14.23 33.13
CA PHE B 274 -6.81 -14.98 31.88
C PHE B 274 -5.39 -15.51 31.67
N ILE B 275 -4.43 -14.62 31.81
CA ILE B 275 -3.03 -14.98 31.58
C ILE B 275 -2.51 -15.89 32.69
N VAL B 276 -2.77 -15.50 33.93
CA VAL B 276 -2.29 -16.27 35.08
C VAL B 276 -2.86 -17.71 35.09
N LYS B 277 -4.15 -17.89 34.83
CA LYS B 277 -4.75 -19.23 34.88
C LYS B 277 -4.39 -20.11 33.68
N ASN B 278 -4.14 -19.52 32.51
CA ASN B 278 -4.07 -20.27 31.26
C ASN B 278 -2.69 -20.36 30.62
N SER B 279 -1.73 -19.55 31.07
CA SER B 279 -0.36 -19.58 30.54
C SER B 279 0.39 -20.84 30.84
N LYS B 280 1.12 -21.35 29.85
CA LYS B 280 1.98 -22.50 29.98
C LYS B 280 3.44 -22.08 29.70
N LYS B 281 4.36 -23.02 29.79
CA LYS B 281 5.74 -22.80 29.34
C LYS B 281 5.71 -22.47 27.87
N THR B 282 6.54 -21.53 27.43
CA THR B 282 6.56 -21.14 26.01
C THR B 282 6.89 -22.30 25.10
N SER B 283 7.63 -23.29 25.59
CA SER B 283 7.99 -24.46 24.77
C SER B 283 6.75 -25.17 24.21
N TYR B 284 5.66 -25.13 24.97
CA TYR B 284 4.40 -25.71 24.57
C TYR B 284 3.88 -25.17 23.23
N LEU B 285 4.33 -23.98 22.81
CA LEU B 285 3.98 -23.43 21.49
C LEU B 285 4.65 -24.16 20.32
N THR B 286 5.67 -25.00 20.57
CA THR B 286 6.20 -25.84 19.50
C THR B 286 5.17 -26.84 18.91
N GLU B 287 4.05 -27.04 19.61
CA GLU B 287 2.95 -27.82 19.07
C GLU B 287 2.27 -27.14 17.89
N LEU B 288 2.14 -25.82 17.95
CA LEU B 288 1.64 -25.04 16.82
C LEU B 288 2.53 -25.23 15.60
N ILE B 289 3.85 -25.33 15.83
CA ILE B 289 4.81 -25.43 14.75
C ILE B 289 4.60 -26.75 14.05
N ASP B 290 4.53 -27.80 14.88
CA ASP B 290 4.24 -29.15 14.42
C ASP B 290 2.88 -29.22 13.70
N ARG B 291 1.85 -28.60 14.28
CA ARG B 291 0.51 -28.60 13.69
C ARG B 291 0.47 -27.90 12.32
N PHE B 292 1.40 -26.98 12.08
CA PHE B 292 1.54 -26.36 10.75
C PHE B 292 2.22 -27.35 9.79
N LYS B 293 3.12 -28.18 10.31
CA LYS B 293 3.83 -29.14 9.48
C LYS B 293 2.95 -30.26 8.90
N ARG B 294 2.02 -30.80 9.71
CA ARG B 294 1.07 -31.82 9.19
C ARG B 294 0.04 -31.22 8.26
N TRP B 295 -0.37 -29.97 8.51
CA TRP B 295 -1.20 -29.24 7.56
C TRP B 295 -0.51 -29.25 6.18
N LYS B 296 0.76 -28.83 6.17
CA LYS B 296 1.57 -28.86 4.95
C LYS B 296 1.71 -30.31 4.41
N ALA B 297 1.96 -31.25 5.32
CA ALA B 297 2.02 -32.68 4.97
C ALA B 297 0.67 -33.25 4.47
N GLU B 298 -0.45 -32.71 4.96
CA GLU B 298 -1.80 -33.13 4.53
C GLU B 298 -2.09 -32.65 3.12
CD CD C . -11.41 -3.63 -12.35
CD CD D . -14.66 1.21 -23.78
CD CD E . 18.32 19.74 -9.89
CD CD F . 6.96 6.26 -14.80
CAL GVD G . -0.05 1.04 -18.12
CAM GVD G . 0.79 -0.23 -18.02
CBB GVD G . 0.60 0.46 -19.37
CAX GVD G . 1.79 1.30 -19.91
CAK GVD G . 2.77 1.90 -19.22
NAS GVD G . 1.99 1.49 -21.19
NAN GVD G . 3.01 2.16 -21.35
CAV GVD G . 3.53 2.48 -20.17
NAR GVD G . 4.68 3.22 -20.08
C6 GVD G . 5.16 3.87 -18.98
N1 GVD G . 4.49 3.93 -17.82
C5 GVD G . 6.39 4.55 -19.04
CAJ GVD G . 7.15 4.56 -20.21
CAD GVD G . 8.39 5.21 -20.26
CAC GVD G . 8.88 5.89 -19.13
CAI GVD G . 8.12 5.90 -17.97
C4 GVD G . 6.87 5.22 -17.92
N3 GVD G . 6.16 5.25 -16.79
C2 GVD G . 5.00 4.60 -16.75
NAQ GVD G . 4.32 4.67 -15.60
CAU GVD G . 3.22 4.00 -15.34
CAG GVD G . 2.13 4.70 -14.87
CAE GVD G . 0.95 4.00 -14.57
CAB GVD G . -0.40 0.46 -14.30
NAA GVD G . -0.37 -0.68 -14.29
CAF GVD G . 1.98 1.91 -15.12
CAH GVD G . 3.16 2.61 -15.42
CA0 GVD G . -0.45 1.92 -14.31
CAT GVD G . 0.88 2.62 -14.68
CD CD H . 10.61 3.96 11.83
CD CD I . 15.01 -0.84 22.80
CD CD J . 5.33 -15.88 7.17
CAL GVD K . 12.45 -10.24 9.17
CAM GVD K . 12.44 -10.12 10.70
CBB GVD K . 11.54 -11.08 10.02
CAX GVD K . 11.92 -12.53 10.25
CAK GVD K . 11.16 -13.50 9.77
NAS GVD K . 12.94 -13.04 10.92
NAN GVD K . 12.85 -14.29 10.89
CAV GVD K . 11.75 -14.61 10.21
NAR GVD K . 11.32 -15.86 9.97
C6 GVD K . 10.12 -16.18 9.41
N1 GVD K . 9.18 -15.25 9.17
C5 GVD K . 9.78 -17.52 9.05
CAJ GVD K . 10.67 -18.58 9.25
CAD GVD K . 10.31 -19.89 8.90
CAC GVD K . 9.06 -20.16 8.32
CAI GVD K . 8.17 -19.10 8.12
C4 GVD K . 8.54 -17.82 8.49
N3 GVD K . 7.67 -16.83 8.27
C2 GVD K . 8.00 -15.59 8.59
NAQ GVD K . 7.08 -14.71 8.31
CAU GVD K . 7.36 -13.40 8.41
CAG GVD K . 8.36 -12.71 7.70
CAE GVD K . 8.50 -11.32 7.84
CAB GVD K . 8.58 -8.46 8.00
NAA GVD K . 9.30 -7.97 7.27
CAF GVD K . 6.62 -11.31 9.33
CAH GVD K . 6.48 -12.68 9.18
CA0 GVD K . 7.65 -9.11 8.91
CAT GVD K . 7.62 -10.61 8.67
#